data_5XGF
#
_entry.id   5XGF
#
_cell.length_a   76.000
_cell.length_b   76.000
_cell.length_c   144.410
_cell.angle_alpha   90.00
_cell.angle_beta   90.00
_cell.angle_gamma   90.00
#
_symmetry.space_group_name_H-M   'P 43 21 2'
#
loop_
_entity.id
_entity.type
_entity.pdbx_description
1 polymer 'Fatty acid metabolism regulator protein'
2 non-polymer 'NICKEL (II) ION'
3 water water
#
_entity_poly.entity_id   1
_entity_poly.type   'polypeptide(L)'
_entity_poly.pdbx_seq_one_letter_code
;MGSSHHHHHHSSGLVPRGSHMMVIKAKSPAGFAEKYIIESIWNGRFPPGSILPAERELSELIGVTRTTLREVLQRLARDG
WLTIQHGKPTKVNQFMETSGLHILDTLMTLDVDNATNIVEDLLAARTNISPIFMRYAFKANKENSERTIKNVIESCEALM
NAASWDDFIASSPYAEKVLQNVKEDNEKDEAKRQEILIAKTFNFYDYMLFQRLAFHSGNQIYGLIFNGLKKLYDRVGSYY
FSNPASRELALKFYHQLLETCESGQREQLPVVIRHYGMESALIWNEMKKQLPTNFTEDDS
;
_entity_poly.pdbx_strand_id   A
#
# COMPACT_ATOMS: atom_id res chain seq x y z
N PRO A 29 -21.86 11.57 -1.57
CA PRO A 29 -21.31 12.91 -1.35
C PRO A 29 -20.41 13.36 -2.50
N ALA A 30 -19.31 14.04 -2.17
CA ALA A 30 -18.35 14.45 -3.20
C ALA A 30 -17.66 13.26 -3.83
N GLY A 31 -17.66 12.11 -3.17
CA GLY A 31 -17.06 10.92 -3.75
C GLY A 31 -17.70 10.51 -5.06
N PHE A 32 -19.01 10.73 -5.20
CA PHE A 32 -19.67 10.48 -6.48
C PHE A 32 -19.04 11.31 -7.58
N ALA A 33 -18.81 12.60 -7.31
CA ALA A 33 -18.21 13.47 -8.30
C ALA A 33 -16.78 13.05 -8.62
N GLU A 34 -15.95 12.87 -7.59
CA GLU A 34 -14.55 12.57 -7.83
C GLU A 34 -14.39 11.23 -8.56
N LYS A 35 -15.09 10.20 -8.10
CA LYS A 35 -15.01 8.90 -8.75
C LYS A 35 -15.63 8.91 -10.14
N TYR A 36 -16.60 9.80 -10.38
CA TYR A 36 -17.17 9.89 -11.73
C TYR A 36 -16.18 10.53 -12.70
N ILE A 37 -15.61 11.67 -12.32
CA ILE A 37 -14.64 12.33 -13.19
C ILE A 37 -13.43 11.43 -13.41
N ILE A 38 -13.00 10.73 -12.36
CA ILE A 38 -11.83 9.85 -12.48
C ILE A 38 -12.15 8.67 -13.38
N GLU A 39 -13.30 8.04 -13.18
CA GLU A 39 -13.67 6.87 -13.99
C GLU A 39 -13.92 7.26 -15.45
N SER A 40 -14.42 8.46 -15.70
CA SER A 40 -14.69 8.89 -17.06
C SER A 40 -13.43 9.33 -17.80
N ILE A 41 -12.27 9.33 -17.15
CA ILE A 41 -11.01 9.46 -17.85
C ILE A 41 -10.44 8.08 -18.20
N TRP A 42 -10.87 7.03 -17.51
CA TRP A 42 -10.38 5.69 -17.74
C TRP A 42 -11.15 4.94 -18.83
N ASN A 43 -12.42 5.30 -19.04
CA ASN A 43 -13.24 4.63 -20.06
C ASN A 43 -13.40 5.46 -21.33
N GLY A 44 -12.44 6.35 -21.60
CA GLY A 44 -12.41 7.06 -22.86
C GLY A 44 -13.46 8.14 -23.03
N ARG A 45 -14.08 8.61 -21.95
CA ARG A 45 -15.06 9.67 -22.08
C ARG A 45 -14.40 11.04 -22.04
N PHE A 46 -13.32 11.19 -21.29
CA PHE A 46 -12.52 12.40 -21.34
C PHE A 46 -11.04 12.02 -21.35
N PRO A 47 -10.53 11.73 -22.55
CA PRO A 47 -9.18 11.19 -22.68
C PRO A 47 -8.13 12.14 -22.14
N PRO A 48 -6.94 11.63 -21.84
CA PRO A 48 -5.88 12.46 -21.27
C PRO A 48 -5.41 13.58 -22.20
N GLY A 49 -5.93 13.65 -23.41
CA GLY A 49 -5.57 14.70 -24.33
C GLY A 49 -6.69 15.68 -24.60
N SER A 50 -7.88 15.37 -24.09
CA SER A 50 -9.06 16.19 -24.30
C SER A 50 -9.13 17.34 -23.30
N ILE A 51 -10.05 18.27 -23.55
CA ILE A 51 -10.37 19.38 -22.65
C ILE A 51 -11.49 18.94 -21.73
N LEU A 52 -11.51 19.45 -20.50
CA LEU A 52 -12.68 19.12 -19.69
C LEU A 52 -13.76 20.20 -19.90
N PRO A 53 -15.06 19.87 -19.89
CA PRO A 53 -16.06 20.87 -20.25
C PRO A 53 -16.18 22.00 -19.24
N ALA A 54 -17.13 22.89 -19.50
CA ALA A 54 -17.31 24.10 -18.71
C ALA A 54 -17.61 23.78 -17.25
N GLU A 55 -17.39 24.79 -16.40
CA GLU A 55 -17.74 24.71 -14.98
C GLU A 55 -19.21 24.36 -14.81
N ARG A 56 -20.10 25.16 -15.41
CA ARG A 56 -21.53 24.94 -15.24
C ARG A 56 -22.02 23.71 -15.98
N GLU A 57 -21.42 23.38 -17.12
CA GLU A 57 -21.83 22.18 -17.84
C GLU A 57 -21.46 20.91 -17.08
N LEU A 58 -20.35 20.93 -16.36
CA LEU A 58 -19.97 19.77 -15.55
C LEU A 58 -20.76 19.72 -14.25
N SER A 59 -20.91 20.87 -13.57
CA SER A 59 -21.76 20.92 -12.39
C SER A 59 -23.20 20.54 -12.71
N GLU A 60 -23.62 20.69 -13.96
CA GLU A 60 -24.92 20.26 -14.43
C GLU A 60 -24.91 18.83 -14.96
N LEU A 61 -23.74 18.29 -15.32
CA LEU A 61 -23.69 17.04 -16.07
C LEU A 61 -24.27 15.87 -15.28
N ILE A 62 -23.85 15.71 -14.02
CA ILE A 62 -24.30 14.63 -13.15
C ILE A 62 -24.82 15.17 -11.82
N GLY A 63 -25.19 16.44 -11.78
CA GLY A 63 -25.89 16.98 -10.63
C GLY A 63 -25.06 17.14 -9.38
N VAL A 64 -24.11 18.06 -9.41
CA VAL A 64 -23.28 18.39 -8.26
C VAL A 64 -23.39 19.88 -8.00
N THR A 65 -23.36 20.26 -6.72
CA THR A 65 -23.35 21.66 -6.35
C THR A 65 -22.18 22.40 -7.02
N ARG A 66 -22.43 23.65 -7.41
CA ARG A 66 -21.40 24.47 -8.04
C ARG A 66 -20.10 24.47 -7.23
N THR A 67 -20.17 24.90 -5.97
CA THR A 67 -18.95 25.15 -5.20
C THR A 67 -18.23 23.87 -4.82
N THR A 68 -18.99 22.79 -4.54
CA THR A 68 -18.34 21.51 -4.28
C THR A 68 -17.65 20.97 -5.52
N LEU A 69 -18.25 21.19 -6.70
CA LEU A 69 -17.59 20.87 -7.96
C LEU A 69 -16.30 21.67 -8.10
N ARG A 70 -16.34 22.96 -7.74
CA ARG A 70 -15.13 23.79 -7.76
C ARG A 70 -14.06 23.19 -6.86
N GLU A 71 -14.43 22.76 -5.66
CA GLU A 71 -13.46 22.47 -4.61
C GLU A 71 -13.13 20.98 -4.49
N VAL A 72 -13.65 20.12 -5.36
CA VAL A 72 -13.12 18.76 -5.46
C VAL A 72 -12.64 18.47 -6.89
N LEU A 73 -13.16 19.23 -7.86
CA LEU A 73 -12.53 19.20 -9.18
C LEU A 73 -11.17 19.88 -9.14
N GLN A 74 -11.02 20.89 -8.28
CA GLN A 74 -9.71 21.50 -8.06
C GLN A 74 -8.73 20.51 -7.47
N ARG A 75 -9.18 19.73 -6.49
CA ARG A 75 -8.30 18.80 -5.80
C ARG A 75 -8.19 17.46 -6.51
N LEU A 76 -9.04 17.20 -7.51
CA LEU A 76 -8.81 16.12 -8.44
C LEU A 76 -7.69 16.46 -9.41
N ALA A 77 -7.33 17.74 -9.51
CA ALA A 77 -6.16 18.19 -10.26
C ALA A 77 -4.90 18.23 -9.41
N ARG A 78 -5.04 18.37 -8.09
CA ARG A 78 -3.87 18.29 -7.21
C ARG A 78 -3.37 16.86 -7.10
N ASP A 79 -4.22 15.87 -7.36
CA ASP A 79 -3.79 14.49 -7.48
C ASP A 79 -3.14 14.19 -8.81
N GLY A 80 -3.12 15.15 -9.73
CA GLY A 80 -2.44 15.00 -11.01
C GLY A 80 -3.33 14.62 -12.16
N TRP A 81 -4.65 14.51 -11.97
CA TRP A 81 -5.53 14.16 -13.07
C TRP A 81 -5.76 15.32 -14.03
N LEU A 82 -5.79 16.55 -13.53
CA LEU A 82 -6.12 17.71 -14.35
C LEU A 82 -5.04 18.77 -14.22
N THR A 83 -5.16 19.78 -15.07
CA THR A 83 -4.37 21.01 -15.00
C THR A 83 -5.31 22.18 -15.20
N ILE A 84 -5.42 23.03 -14.19
CA ILE A 84 -6.30 24.19 -14.21
C ILE A 84 -5.45 25.44 -13.96
N GLN A 85 -5.39 26.32 -14.96
CA GLN A 85 -4.77 27.63 -14.81
C GLN A 85 -5.79 28.69 -15.17
N HIS A 86 -5.59 29.89 -14.61
CA HIS A 86 -6.57 30.96 -14.75
C HIS A 86 -6.72 31.40 -16.20
N GLY A 87 -7.95 31.73 -16.58
CA GLY A 87 -8.26 32.17 -17.92
C GLY A 87 -8.41 31.02 -18.90
N LYS A 88 -7.33 30.26 -19.09
CA LYS A 88 -7.39 29.07 -19.91
C LYS A 88 -8.25 28.01 -19.22
N PRO A 89 -8.84 27.09 -19.98
CA PRO A 89 -9.72 26.08 -19.37
C PRO A 89 -8.97 25.04 -18.56
N THR A 90 -9.69 24.08 -18.00
CA THR A 90 -9.08 22.93 -17.34
C THR A 90 -8.88 21.82 -18.36
N LYS A 91 -7.71 21.19 -18.31
CA LYS A 91 -7.32 20.20 -19.30
C LYS A 91 -6.91 18.91 -18.60
N VAL A 92 -7.39 17.78 -19.12
CA VAL A 92 -7.08 16.49 -18.50
C VAL A 92 -5.60 16.19 -18.67
N ASN A 93 -4.95 15.83 -17.57
CA ASN A 93 -3.51 15.54 -17.62
C ASN A 93 -3.26 14.20 -18.30
N GLN A 94 -2.05 14.06 -18.83
CA GLN A 94 -1.65 12.83 -19.49
C GLN A 94 -1.58 11.68 -18.49
N PHE A 95 -1.54 10.46 -19.02
CA PHE A 95 -1.48 9.28 -18.18
C PHE A 95 -0.15 9.21 -17.44
N MET A 96 -0.19 9.44 -16.13
CA MET A 96 0.91 9.22 -15.20
C MET A 96 2.06 10.22 -15.38
N GLU A 97 1.82 11.34 -16.06
CA GLU A 97 2.88 12.32 -16.22
C GLU A 97 3.07 13.20 -15.00
N THR A 98 2.04 13.36 -14.17
CA THR A 98 2.17 14.26 -13.02
C THR A 98 1.83 13.61 -11.69
N SER A 99 0.96 12.60 -11.69
CA SER A 99 0.45 12.04 -10.44
C SER A 99 1.54 11.32 -9.66
N GLY A 100 1.37 11.27 -8.34
CA GLY A 100 2.30 10.62 -7.45
C GLY A 100 1.97 9.15 -7.25
N LEU A 101 2.61 8.58 -6.21
CA LEU A 101 2.49 7.15 -5.96
C LEU A 101 1.06 6.72 -5.66
N HIS A 102 0.28 7.60 -5.02
CA HIS A 102 -1.10 7.27 -4.66
C HIS A 102 -1.89 6.69 -5.82
N ILE A 103 -1.64 7.23 -7.03
CA ILE A 103 -2.41 6.86 -8.22
C ILE A 103 -2.49 5.35 -8.36
N LEU A 104 -1.42 4.64 -7.95
CA LEU A 104 -1.36 3.21 -8.18
C LEU A 104 -2.55 2.50 -7.57
N ASP A 105 -2.85 2.80 -6.30
CA ASP A 105 -3.97 2.11 -5.66
C ASP A 105 -5.27 2.47 -6.37
N THR A 106 -5.41 3.73 -6.79
CA THR A 106 -6.60 4.10 -7.56
C THR A 106 -6.70 3.24 -8.81
N LEU A 107 -5.57 3.04 -9.50
CA LEU A 107 -5.60 2.25 -10.73
C LEU A 107 -5.90 0.79 -10.45
N MET A 108 -5.73 0.32 -9.22
CA MET A 108 -6.13 -1.04 -8.89
C MET A 108 -7.64 -1.20 -8.99
N THR A 109 -8.39 -0.17 -8.57
CA THR A 109 -9.85 -0.27 -8.57
C THR A 109 -10.43 -0.25 -9.99
N LEU A 110 -9.72 0.34 -10.94
CA LEU A 110 -10.15 0.36 -12.34
C LEU A 110 -9.42 -0.73 -13.13
N ASP A 111 -10.19 -1.52 -13.88
CA ASP A 111 -9.65 -2.49 -14.84
C ASP A 111 -8.78 -3.56 -14.14
N VAL A 112 -9.50 -4.52 -13.56
CA VAL A 112 -8.94 -5.63 -12.78
C VAL A 112 -7.62 -6.19 -13.34
N ASP A 113 -7.51 -6.37 -14.65
CA ASP A 113 -6.42 -7.14 -15.23
C ASP A 113 -5.13 -6.34 -15.51
N ASN A 114 -4.93 -5.18 -14.87
CA ASN A 114 -3.62 -4.56 -14.75
C ASN A 114 -3.18 -4.46 -13.30
N ALA A 115 -3.98 -4.97 -12.36
CA ALA A 115 -3.61 -4.97 -10.96
C ALA A 115 -2.35 -5.81 -10.72
N THR A 116 -2.27 -6.96 -11.39
CA THR A 116 -1.10 -7.81 -11.22
C THR A 116 0.17 -7.07 -11.58
N ASN A 117 0.19 -6.36 -12.72
CA ASN A 117 1.37 -5.59 -13.12
C ASN A 117 1.75 -4.56 -12.06
N ILE A 118 0.76 -3.91 -11.45
CA ILE A 118 1.04 -2.94 -10.39
C ILE A 118 1.70 -3.62 -9.21
N VAL A 119 1.22 -4.82 -8.84
CA VAL A 119 1.82 -5.54 -7.72
C VAL A 119 3.24 -5.96 -8.05
N GLU A 120 3.49 -6.41 -9.29
CA GLU A 120 4.86 -6.72 -9.69
C GLU A 120 5.76 -5.50 -9.53
N ASP A 121 5.27 -4.32 -9.95
CA ASP A 121 6.04 -3.09 -9.77
C ASP A 121 6.35 -2.84 -8.29
N LEU A 122 5.37 -3.06 -7.41
CA LEU A 122 5.59 -2.81 -5.99
C LEU A 122 6.64 -3.75 -5.41
N LEU A 123 6.45 -5.06 -5.61
CA LEU A 123 7.40 -6.03 -5.07
C LEU A 123 8.79 -5.81 -5.64
N ALA A 124 8.89 -5.57 -6.94
CA ALA A 124 10.19 -5.37 -7.57
C ALA A 124 10.86 -4.11 -7.02
N ALA A 125 10.11 -3.02 -6.86
CA ALA A 125 10.71 -1.79 -6.36
C ALA A 125 11.21 -1.97 -4.93
N ARG A 126 10.41 -2.59 -4.07
CA ARG A 126 10.81 -2.80 -2.69
C ARG A 126 12.05 -3.68 -2.61
N THR A 127 12.08 -4.78 -3.39
CA THR A 127 13.26 -5.62 -3.44
C THR A 127 14.47 -4.85 -3.96
N ASN A 128 14.26 -3.94 -4.92
CA ASN A 128 15.36 -3.18 -5.50
C ASN A 128 16.00 -2.24 -4.49
N ILE A 129 15.17 -1.44 -3.79
CA ILE A 129 15.73 -0.37 -2.96
C ILE A 129 15.97 -0.78 -1.51
N SER A 130 15.47 -1.94 -1.09
CA SER A 130 15.68 -2.37 0.30
C SER A 130 17.15 -2.54 0.71
N PRO A 131 18.05 -3.07 -0.13
CA PRO A 131 19.46 -3.17 0.32
C PRO A 131 20.09 -1.83 0.61
N ILE A 132 19.67 -0.79 -0.11
CA ILE A 132 20.25 0.54 0.06
C ILE A 132 19.83 1.12 1.41
N PHE A 133 18.53 1.32 1.61
CA PHE A 133 18.10 1.99 2.83
C PHE A 133 18.27 1.10 4.06
N MET A 134 18.30 -0.22 3.89
CA MET A 134 18.56 -1.08 5.03
C MET A 134 20.03 -1.12 5.40
N ARG A 135 20.95 -1.08 4.42
CA ARG A 135 22.36 -0.98 4.82
C ARG A 135 22.63 0.38 5.46
N TYR A 136 21.97 1.45 4.98
CA TYR A 136 22.10 2.75 5.65
C TYR A 136 21.57 2.67 7.08
N ALA A 137 20.40 2.05 7.26
CA ALA A 137 19.80 1.95 8.60
C ALA A 137 20.67 1.13 9.54
N PHE A 138 21.22 0.01 9.04
CA PHE A 138 22.06 -0.84 9.90
C PHE A 138 23.37 -0.14 10.24
N LYS A 139 23.90 0.69 9.34
CA LYS A 139 25.15 1.37 9.62
C LYS A 139 24.97 2.53 10.59
N ALA A 140 24.07 3.46 10.28
CA ALA A 140 23.98 4.69 11.05
C ALA A 140 22.98 4.63 12.20
N ASN A 141 22.06 3.66 12.19
CA ASN A 141 21.02 3.55 13.20
C ASN A 141 20.88 2.09 13.65
N LYS A 142 22.02 1.48 14.02
CA LYS A 142 22.04 0.07 14.37
C LYS A 142 21.02 -0.28 15.45
N GLU A 143 21.06 0.44 16.57
CA GLU A 143 20.22 0.11 17.71
C GLU A 143 18.74 0.35 17.42
N ASN A 144 18.43 1.45 16.73
CA ASN A 144 17.04 1.71 16.37
C ASN A 144 16.52 0.66 15.39
N SER A 145 17.33 0.30 14.39
CA SER A 145 16.95 -0.75 13.46
C SER A 145 16.64 -2.05 14.20
N GLU A 146 17.53 -2.44 15.13
CA GLU A 146 17.33 -3.67 15.88
C GLU A 146 16.08 -3.61 16.73
N ARG A 147 15.81 -2.47 17.36
CA ARG A 147 14.60 -2.33 18.16
C ARG A 147 13.34 -2.47 17.30
N THR A 148 13.36 -1.85 16.11
CA THR A 148 12.21 -1.97 15.20
C THR A 148 11.98 -3.42 14.78
N ILE A 149 13.04 -4.10 14.35
CA ILE A 149 12.90 -5.48 13.90
C ILE A 149 12.43 -6.36 15.04
N LYS A 150 12.98 -6.15 16.25
CA LYS A 150 12.57 -6.95 17.40
C LYS A 150 11.09 -6.75 17.72
N ASN A 151 10.61 -5.50 17.67
CA ASN A 151 9.20 -5.25 17.92
C ASN A 151 8.33 -5.95 16.87
N VAL A 152 8.70 -5.85 15.59
CA VAL A 152 7.92 -6.50 14.55
C VAL A 152 7.91 -8.01 14.74
N ILE A 153 9.06 -8.60 15.06
CA ILE A 153 9.15 -10.05 15.24
C ILE A 153 8.28 -10.49 16.41
N GLU A 154 8.36 -9.77 17.54
CA GLU A 154 7.59 -10.14 18.72
C GLU A 154 6.09 -10.03 18.45
N SER A 155 5.66 -8.97 17.77
CA SER A 155 4.24 -8.83 17.49
C SER A 155 3.76 -9.92 16.52
N CYS A 156 4.54 -10.21 15.49
CA CYS A 156 4.13 -11.23 14.53
C CYS A 156 4.07 -12.61 15.18
N GLU A 157 5.05 -12.95 16.01
CA GLU A 157 5.04 -14.26 16.67
C GLU A 157 3.93 -14.35 17.70
N ALA A 158 3.62 -13.25 18.39
CA ALA A 158 2.50 -13.26 19.32
C ALA A 158 1.18 -13.43 18.58
N LEU A 159 1.03 -12.78 17.43
CA LEU A 159 -0.20 -12.93 16.65
C LEU A 159 -0.34 -14.35 16.10
N MET A 160 0.76 -14.93 15.62
CA MET A 160 0.71 -16.27 15.04
C MET A 160 0.44 -17.36 16.08
N ASN A 161 0.79 -17.12 17.34
CA ASN A 161 0.57 -18.09 18.41
C ASN A 161 -0.73 -17.85 19.17
N ALA A 162 -1.46 -16.78 18.86
CA ALA A 162 -2.65 -16.45 19.63
C ALA A 162 -3.77 -17.44 19.34
N ALA A 163 -4.63 -17.64 20.36
CA ALA A 163 -5.78 -18.52 20.18
C ALA A 163 -6.78 -17.94 19.19
N SER A 164 -6.88 -16.62 19.13
CA SER A 164 -7.72 -15.93 18.16
C SER A 164 -7.15 -14.54 17.94
N TRP A 165 -7.69 -13.86 16.92
CA TRP A 165 -7.25 -12.49 16.66
C TRP A 165 -7.75 -11.54 17.75
N ASP A 166 -8.96 -11.76 18.25
CA ASP A 166 -9.48 -10.91 19.32
C ASP A 166 -8.64 -11.02 20.57
N ASP A 167 -8.06 -12.19 20.83
CA ASP A 167 -7.19 -12.36 21.99
C ASP A 167 -5.87 -11.61 21.81
N PHE A 168 -5.27 -11.68 20.62
CA PHE A 168 -4.04 -10.93 20.38
C PHE A 168 -4.30 -9.43 20.47
N ILE A 169 -5.41 -8.96 19.90
CA ILE A 169 -5.63 -7.53 19.82
C ILE A 169 -6.09 -6.97 21.16
N ALA A 170 -6.77 -7.78 21.97
CA ALA A 170 -7.17 -7.33 23.30
C ALA A 170 -5.95 -7.04 24.17
N SER A 171 -4.82 -7.69 23.88
CA SER A 171 -3.61 -7.56 24.69
C SER A 171 -2.45 -6.97 23.90
N SER A 172 -2.74 -6.13 22.91
CA SER A 172 -1.69 -5.58 22.05
C SER A 172 -1.54 -4.09 22.30
N PRO A 173 -0.33 -3.60 22.55
CA PRO A 173 -0.15 -2.14 22.68
C PRO A 173 -0.45 -1.39 21.40
N TYR A 174 -0.47 -2.07 20.26
CA TYR A 174 -0.79 -1.46 18.97
C TYR A 174 -2.29 -1.54 18.66
N ALA A 175 -3.12 -1.84 19.66
CA ALA A 175 -4.52 -2.19 19.41
C ALA A 175 -5.24 -1.10 18.62
N GLU A 176 -5.15 0.15 19.06
CA GLU A 176 -5.95 1.20 18.45
C GLU A 176 -5.49 1.48 17.02
N LYS A 177 -4.18 1.61 16.82
CA LYS A 177 -3.66 1.82 15.46
C LYS A 177 -4.05 0.68 14.53
N VAL A 178 -3.88 -0.56 15.00
CA VAL A 178 -4.30 -1.72 14.22
C VAL A 178 -5.77 -1.60 13.84
N LEU A 179 -6.63 -1.29 14.81
CA LEU A 179 -8.06 -1.12 14.54
C LEU A 179 -8.33 0.00 13.54
N GLN A 180 -7.52 1.07 13.56
CA GLN A 180 -7.64 2.08 12.52
C GLN A 180 -7.33 1.49 11.15
N ASN A 181 -6.33 0.61 11.08
CA ASN A 181 -5.86 0.10 9.79
C ASN A 181 -6.50 -1.23 9.40
N VAL A 182 -7.09 -1.95 10.36
CA VAL A 182 -7.60 -3.31 10.13
C VAL A 182 -9.12 -3.26 10.27
N LYS A 183 -9.71 -2.17 9.78
CA LYS A 183 -11.17 -2.00 9.82
C LYS A 183 -11.80 -3.06 8.93
N GLU A 184 -12.19 -4.18 9.55
CA GLU A 184 -12.92 -5.24 8.86
C GLU A 184 -13.94 -5.95 9.74
N ASP A 185 -14.11 -5.53 11.00
CA ASP A 185 -14.97 -6.26 11.93
C ASP A 185 -16.45 -6.10 11.55
N ASN A 186 -16.78 -6.52 10.32
CA ASN A 186 -18.14 -6.50 9.82
C ASN A 186 -18.56 -7.82 9.19
N GLU A 187 -17.62 -8.67 8.80
CA GLU A 187 -17.94 -9.94 8.18
C GLU A 187 -18.76 -10.81 9.12
N LYS A 188 -19.77 -11.48 8.56
CA LYS A 188 -20.65 -12.35 9.33
C LYS A 188 -20.10 -13.77 9.45
N ASP A 189 -19.28 -14.19 8.49
CA ASP A 189 -18.59 -15.48 8.58
C ASP A 189 -17.38 -15.31 9.50
N GLU A 190 -17.43 -15.94 10.67
CA GLU A 190 -16.42 -15.68 11.69
C GLU A 190 -15.06 -16.31 11.34
N ALA A 191 -15.05 -17.48 10.70
CA ALA A 191 -13.77 -18.10 10.36
C ALA A 191 -13.02 -17.27 9.33
N LYS A 192 -13.70 -16.91 8.24
CA LYS A 192 -13.07 -16.08 7.23
C LYS A 192 -12.76 -14.68 7.75
N ARG A 193 -13.59 -14.17 8.67
CA ARG A 193 -13.23 -12.95 9.39
C ARG A 193 -11.89 -13.13 10.11
N GLN A 194 -11.70 -14.28 10.76
CA GLN A 194 -10.44 -14.56 11.44
C GLN A 194 -9.27 -14.53 10.46
N GLU A 195 -9.40 -15.25 9.33
CA GLU A 195 -8.30 -15.30 8.37
C GLU A 195 -7.97 -13.91 7.84
N ILE A 196 -8.99 -13.13 7.48
CA ILE A 196 -8.77 -11.79 6.95
C ILE A 196 -8.09 -10.90 7.98
N LEU A 197 -8.53 -10.99 9.24
CA LEU A 197 -7.96 -10.12 10.27
C LEU A 197 -6.52 -10.49 10.58
N ILE A 198 -6.21 -11.79 10.63
CA ILE A 198 -4.83 -12.22 10.82
C ILE A 198 -3.95 -11.68 9.69
N ALA A 199 -4.44 -11.79 8.45
CA ALA A 199 -3.66 -11.30 7.30
C ALA A 199 -3.42 -9.79 7.40
N LYS A 200 -4.46 -9.02 7.70
CA LYS A 200 -4.32 -7.57 7.75
C LYS A 200 -3.40 -7.15 8.90
N THR A 201 -3.43 -7.88 10.02
CA THR A 201 -2.59 -7.53 11.15
C THR A 201 -1.12 -7.82 10.86
N PHE A 202 -0.85 -9.01 10.31
CA PHE A 202 0.51 -9.32 9.88
C PHE A 202 1.01 -8.29 8.88
N ASN A 203 0.16 -7.88 7.93
CA ASN A 203 0.57 -6.85 6.98
C ASN A 203 0.87 -5.54 7.68
N PHE A 204 0.10 -5.21 8.72
CA PHE A 204 0.40 -4.04 9.55
C PHE A 204 1.84 -4.07 10.03
N TYR A 205 2.29 -5.23 10.51
CA TYR A 205 3.66 -5.27 11.03
C TYR A 205 4.71 -5.37 9.92
N ASP A 206 4.39 -6.01 8.80
CA ASP A 206 5.31 -6.04 7.66
C ASP A 206 5.58 -4.63 7.14
N TYR A 207 4.50 -3.87 6.92
CA TYR A 207 4.64 -2.48 6.51
C TYR A 207 5.44 -1.69 7.55
N MET A 208 5.12 -1.89 8.84
CA MET A 208 5.86 -1.20 9.88
C MET A 208 7.37 -1.46 9.76
N LEU A 209 7.75 -2.70 9.50
CA LEU A 209 9.16 -3.05 9.37
C LEU A 209 9.80 -2.30 8.21
N PHE A 210 9.23 -2.43 7.01
CA PHE A 210 9.88 -1.84 5.83
C PHE A 210 9.90 -0.31 5.93
N GLN A 211 8.77 0.30 6.28
CA GLN A 211 8.70 1.75 6.33
C GLN A 211 9.60 2.33 7.42
N ARG A 212 9.57 1.72 8.61
CA ARG A 212 10.37 2.26 9.71
C ARG A 212 11.86 2.09 9.44
N LEU A 213 12.28 0.96 8.86
CA LEU A 213 13.68 0.84 8.46
C LEU A 213 14.03 1.87 7.40
N ALA A 214 13.12 2.11 6.46
CA ALA A 214 13.32 3.14 5.45
C ALA A 214 13.59 4.50 6.08
N PHE A 215 12.83 4.86 7.13
CA PHE A 215 13.13 6.11 7.80
C PHE A 215 14.44 6.03 8.59
N HIS A 216 14.74 4.87 9.16
CA HIS A 216 16.00 4.68 9.88
C HIS A 216 17.22 4.85 8.99
N SER A 217 17.05 4.74 7.66
CA SER A 217 18.16 4.93 6.75
C SER A 217 18.82 6.31 6.88
N GLY A 218 18.13 7.28 7.45
CA GLY A 218 18.62 8.65 7.51
C GLY A 218 18.22 9.51 6.34
N ASN A 219 17.62 8.92 5.30
CA ASN A 219 17.09 9.65 4.15
C ASN A 219 15.58 9.51 4.18
N GLN A 220 14.88 10.62 4.41
CA GLN A 220 13.44 10.56 4.61
C GLN A 220 12.69 10.14 3.35
N ILE A 221 13.33 10.22 2.18
CA ILE A 221 12.63 9.95 0.93
C ILE A 221 12.18 8.50 0.85
N TYR A 222 12.96 7.55 1.39
CA TYR A 222 12.57 6.14 1.34
C TYR A 222 11.31 5.88 2.16
N GLY A 223 11.31 6.36 3.41
CA GLY A 223 10.12 6.25 4.23
C GLY A 223 8.92 6.92 3.59
N LEU A 224 9.12 8.10 3.00
CA LEU A 224 8.02 8.76 2.31
C LEU A 224 7.54 7.97 1.11
N ILE A 225 8.43 7.21 0.48
CA ILE A 225 8.01 6.35 -0.62
C ILE A 225 7.01 5.30 -0.12
N PHE A 226 7.36 4.62 0.97
CA PHE A 226 6.41 3.65 1.52
C PHE A 226 5.12 4.34 1.98
N ASN A 227 5.23 5.53 2.59
CA ASN A 227 4.04 6.27 3.01
C ASN A 227 3.12 6.53 1.83
N GLY A 228 3.67 6.93 0.69
CA GLY A 228 2.85 7.14 -0.49
C GLY A 228 2.26 5.85 -1.03
N LEU A 229 2.95 4.73 -0.83
CA LEU A 229 2.49 3.44 -1.33
C LEU A 229 1.61 2.68 -0.34
N LYS A 230 1.27 3.26 0.81
CA LYS A 230 0.68 2.49 1.90
C LYS A 230 -0.66 1.83 1.51
N LYS A 231 -1.53 2.55 0.81
CA LYS A 231 -2.84 1.98 0.49
C LYS A 231 -2.71 0.73 -0.39
N LEU A 232 -1.92 0.84 -1.45
CA LEU A 232 -1.64 -0.33 -2.29
C LEU A 232 -0.96 -1.44 -1.49
N TYR A 233 -0.02 -1.05 -0.61
CA TYR A 233 0.67 -2.01 0.24
C TYR A 233 -0.32 -2.83 1.06
N ASP A 234 -1.27 -2.15 1.73
CA ASP A 234 -2.22 -2.85 2.59
C ASP A 234 -3.20 -3.67 1.79
N ARG A 235 -3.66 -3.15 0.64
CA ARG A 235 -4.53 -3.94 -0.22
C ARG A 235 -3.84 -5.23 -0.64
N VAL A 236 -2.56 -5.15 -1.01
CA VAL A 236 -1.84 -6.34 -1.43
C VAL A 236 -1.62 -7.30 -0.27
N GLY A 237 -1.21 -6.77 0.89
CA GLY A 237 -0.89 -7.63 2.02
C GLY A 237 -2.10 -8.29 2.66
N SER A 238 -3.27 -7.66 2.55
CA SER A 238 -4.46 -8.25 3.16
C SER A 238 -4.81 -9.59 2.53
N TYR A 239 -4.43 -9.81 1.28
CA TYR A 239 -4.56 -11.11 0.63
C TYR A 239 -3.27 -11.92 0.70
N TYR A 240 -2.12 -11.29 0.42
CA TYR A 240 -0.86 -12.03 0.40
C TYR A 240 -0.59 -12.72 1.73
N PHE A 241 -0.81 -12.02 2.84
CA PHE A 241 -0.52 -12.58 4.16
C PHE A 241 -1.65 -13.43 4.72
N SER A 242 -2.67 -13.73 3.91
CA SER A 242 -3.64 -14.74 4.30
C SER A 242 -3.12 -16.15 4.07
N ASN A 243 -1.98 -16.29 3.40
CA ASN A 243 -1.33 -17.58 3.23
C ASN A 243 -0.38 -17.80 4.40
N PRO A 244 -0.47 -18.92 5.12
CA PRO A 244 0.48 -19.15 6.22
C PRO A 244 1.93 -19.21 5.77
N ALA A 245 2.19 -19.73 4.56
CA ALA A 245 3.55 -19.79 4.06
C ALA A 245 4.14 -18.39 3.89
N SER A 246 3.31 -17.42 3.46
CA SER A 246 3.78 -16.05 3.37
C SER A 246 4.19 -15.50 4.72
N ARG A 247 3.40 -15.80 5.77
CA ARG A 247 3.72 -15.29 7.10
C ARG A 247 4.99 -15.93 7.64
N GLU A 248 5.14 -17.25 7.48
CA GLU A 248 6.35 -17.91 7.95
C GLU A 248 7.59 -17.42 7.20
N LEU A 249 7.47 -17.26 5.88
CA LEU A 249 8.58 -16.75 5.09
C LEU A 249 8.98 -15.35 5.55
N ALA A 250 8.00 -14.47 5.73
CA ALA A 250 8.28 -13.13 6.22
C ALA A 250 8.95 -13.18 7.60
N LEU A 251 8.51 -14.09 8.47
CA LEU A 251 9.07 -14.18 9.81
C LEU A 251 10.54 -14.60 9.76
N LYS A 252 10.85 -15.63 8.96
CA LYS A 252 12.25 -16.00 8.78
C LYS A 252 13.05 -14.83 8.22
N PHE A 253 12.46 -14.07 7.31
CA PHE A 253 13.12 -12.90 6.75
C PHE A 253 13.44 -11.87 7.82
N TYR A 254 12.48 -11.59 8.71
CA TYR A 254 12.72 -10.62 9.77
C TYR A 254 13.85 -11.08 10.69
N HIS A 255 13.83 -12.37 11.06
CA HIS A 255 14.91 -12.90 11.89
C HIS A 255 16.27 -12.78 11.19
N GLN A 256 16.29 -13.00 9.87
CA GLN A 256 17.53 -12.87 9.11
C GLN A 256 18.02 -11.43 9.08
N LEU A 257 17.09 -10.47 8.91
CA LEU A 257 17.47 -9.06 8.95
C LEU A 257 18.05 -8.69 10.30
N LEU A 258 17.40 -9.13 11.39
CA LEU A 258 17.91 -8.85 12.72
C LEU A 258 19.30 -9.43 12.92
N GLU A 259 19.53 -10.66 12.46
CA GLU A 259 20.85 -11.27 12.60
C GLU A 259 21.90 -10.52 11.77
N THR A 260 21.52 -10.08 10.58
CA THR A 260 22.45 -9.33 9.73
C THR A 260 22.85 -8.02 10.39
N CYS A 261 21.88 -7.29 10.93
CA CYS A 261 22.20 -6.03 11.62
C CYS A 261 23.03 -6.28 12.86
N GLU A 262 22.69 -7.29 13.65
CA GLU A 262 23.41 -7.54 14.90
C GLU A 262 24.84 -7.98 14.65
N SER A 263 25.06 -8.77 13.61
CA SER A 263 26.39 -9.31 13.34
C SER A 263 27.28 -8.37 12.53
N GLY A 264 26.72 -7.29 11.97
CA GLY A 264 27.51 -6.43 11.12
C GLY A 264 28.01 -7.07 9.85
N GLN A 265 27.41 -8.21 9.45
CA GLN A 265 27.78 -8.89 8.22
C GLN A 265 27.09 -8.19 7.05
N ARG A 266 27.76 -7.17 6.52
CA ARG A 266 27.17 -6.33 5.49
C ARG A 266 26.88 -7.12 4.22
N GLU A 267 27.84 -7.95 3.79
CA GLU A 267 27.69 -8.65 2.51
C GLU A 267 26.49 -9.59 2.49
N GLN A 268 25.98 -9.99 3.66
CA GLN A 268 24.81 -10.86 3.71
C GLN A 268 23.52 -10.12 3.39
N LEU A 269 23.49 -8.78 3.53
CA LEU A 269 22.22 -8.08 3.41
C LEU A 269 21.61 -8.17 2.01
N PRO A 270 22.35 -7.91 0.91
CA PRO A 270 21.70 -8.02 -0.41
C PRO A 270 21.30 -9.44 -0.76
N VAL A 271 22.04 -10.45 -0.28
CA VAL A 271 21.69 -11.83 -0.57
C VAL A 271 20.36 -12.18 0.08
N VAL A 272 20.28 -11.98 1.41
CA VAL A 272 19.04 -12.23 2.16
C VAL A 272 17.86 -11.60 1.44
N ILE A 273 17.92 -10.27 1.27
CA ILE A 273 16.84 -9.55 0.59
C ILE A 273 16.55 -10.18 -0.76
N ARG A 274 17.60 -10.45 -1.55
CA ARG A 274 17.40 -11.03 -2.86
C ARG A 274 16.60 -12.30 -2.77
N HIS A 275 17.02 -13.22 -1.88
CA HIS A 275 16.29 -14.47 -1.75
C HIS A 275 14.85 -14.20 -1.37
N TYR A 276 14.65 -13.30 -0.40
CA TYR A 276 13.28 -13.04 0.06
C TYR A 276 12.46 -12.42 -1.04
N GLY A 277 13.09 -11.59 -1.89
CA GLY A 277 12.36 -11.00 -2.99
C GLY A 277 11.90 -12.05 -3.97
N MET A 278 12.75 -13.06 -4.20
CA MET A 278 12.40 -14.11 -5.14
C MET A 278 11.25 -14.96 -4.61
N GLU A 279 11.46 -15.58 -3.44
CA GLU A 279 10.49 -16.53 -2.91
C GLU A 279 9.12 -15.88 -2.71
N SER A 280 9.09 -14.72 -2.06
CA SER A 280 7.82 -14.01 -1.91
C SER A 280 7.15 -13.82 -3.26
N ALA A 281 7.91 -13.35 -4.25
CA ALA A 281 7.36 -13.17 -5.59
C ALA A 281 6.72 -14.46 -6.08
N LEU A 282 7.44 -15.57 -5.93
CA LEU A 282 6.90 -16.86 -6.36
C LEU A 282 5.57 -17.14 -5.69
N ILE A 283 5.51 -16.92 -4.36
CA ILE A 283 4.26 -17.12 -3.65
C ILE A 283 3.17 -16.27 -4.28
N TRP A 284 3.46 -14.97 -4.46
CA TRP A 284 2.49 -14.10 -5.10
C TRP A 284 2.10 -14.63 -6.46
N ASN A 285 3.11 -15.08 -7.24
CA ASN A 285 2.84 -15.56 -8.59
C ASN A 285 1.84 -16.70 -8.58
N GLU A 286 1.80 -17.49 -7.51
CA GLU A 286 0.79 -18.53 -7.40
C GLU A 286 -0.55 -17.94 -6.91
N MET A 287 -0.50 -17.15 -5.83
CA MET A 287 -1.73 -16.63 -5.25
C MET A 287 -2.46 -15.72 -6.24
N LYS A 288 -1.70 -15.09 -7.13
CA LYS A 288 -2.26 -14.24 -8.17
C LYS A 288 -3.34 -14.96 -8.98
N LYS A 289 -3.28 -16.29 -9.05
CA LYS A 289 -4.24 -17.02 -9.87
C LYS A 289 -5.64 -17.01 -9.27
N GLN A 290 -5.78 -16.71 -7.98
CA GLN A 290 -7.08 -16.77 -7.30
C GLN A 290 -7.34 -15.49 -6.51
N LEU A 291 -7.19 -14.34 -7.17
CA LEU A 291 -7.44 -13.06 -6.52
C LEU A 291 -8.88 -13.03 -5.97
N PRO A 292 -9.07 -12.62 -4.73
CA PRO A 292 -10.43 -12.55 -4.18
C PRO A 292 -11.27 -11.50 -4.89
N THR A 293 -12.59 -11.65 -4.75
CA THR A 293 -13.53 -10.77 -5.43
C THR A 293 -13.29 -9.30 -5.07
N ASN A 294 -13.04 -9.03 -3.79
CA ASN A 294 -12.89 -7.67 -3.30
C ASN A 294 -11.57 -7.02 -3.69
N PHE A 295 -10.63 -7.76 -4.28
CA PHE A 295 -9.25 -7.29 -4.36
C PHE A 295 -9.12 -5.97 -5.11
N THR A 296 -9.94 -5.78 -6.15
CA THR A 296 -9.95 -4.53 -6.92
C THR A 296 -11.26 -3.82 -6.58
N GLU A 297 -11.25 -3.05 -5.49
CA GLU A 297 -12.46 -2.49 -4.92
C GLU A 297 -12.36 -0.96 -4.87
N ASP A 298 -13.43 -0.29 -5.28
CA ASP A 298 -13.54 1.17 -5.17
C ASP A 298 -13.79 1.50 -3.69
N ASP A 299 -12.69 1.58 -2.94
CA ASP A 299 -12.71 1.86 -1.50
C ASP A 299 -13.39 0.72 -0.74
#